data_4FHZ
#
_entry.id   4FHZ
#
_cell.length_a   72.042
_cell.length_b   72.042
_cell.length_c   113.583
_cell.angle_alpha   90.00
_cell.angle_beta   90.00
_cell.angle_gamma   120.00
#
_symmetry.space_group_name_H-M   'P 32 2 1'
#
loop_
_entity.id
_entity.type
_entity.pdbx_description
1 polymer Phospholipase/Carboxylesterase
2 non-polymer 'SODIUM ION'
3 non-polymer DI(HYDROXYETHYL)ETHER
4 water water
#
_entity_poly.entity_id   1
_entity_poly.type   'polypeptide(L)'
_entity_poly.pdbx_seq_one_letter_code
;MHHHHHHSSGLVPRGSGMKETAAAKFERQHMDSPDLGTDDDDKAMADIMTRKLTFGRRGAAPGEATSLVVFLHGYGADGA
DLLGLAEPLAPHLPGTAFVAPDAPEPCRANGFGFQWFPIPWLDGSSETAAAEGMAAAARDLDAFLDERLAEEGLPPEALA
LVGFSQGTMMALHVAPRRAEEIAGIVGFSGRLLAPERLAEEARSKPPVLLVHGDADPVVPFADMSLAGEALAEAGFTTYG
HVMKGTGHGIAPDGLSVALAFLKERLPDACGRTRAPPPPPLRSGC
;
_entity_poly.pdbx_strand_id   A
#
loop_
_chem_comp.id
_chem_comp.type
_chem_comp.name
_chem_comp.formula
NA non-polymer 'SODIUM ION' 'Na 1'
PEG non-polymer DI(HYDROXYETHYL)ETHER 'C4 H10 O3'
#
# COMPACT_ATOMS: atom_id res chain seq x y z
N ILE A 48 8.54 -5.38 -22.72
CA ILE A 48 7.31 -6.17 -22.56
C ILE A 48 6.12 -5.26 -22.27
N MET A 49 5.05 -5.83 -21.70
CA MET A 49 3.83 -5.04 -21.55
C MET A 49 3.28 -4.98 -20.14
N THR A 50 2.68 -3.84 -19.82
CA THR A 50 2.07 -3.65 -18.53
C THR A 50 0.59 -3.94 -18.64
N ARG A 51 0.01 -4.49 -17.58
CA ARG A 51 -1.44 -4.67 -17.53
C ARG A 51 -2.04 -3.40 -16.93
N LYS A 52 -3.05 -2.87 -17.61
CA LYS A 52 -3.74 -1.68 -17.14
C LYS A 52 -4.64 -2.04 -15.95
N LEU A 53 -4.54 -1.27 -14.86
CA LEU A 53 -5.34 -1.54 -13.67
C LEU A 53 -6.65 -0.76 -13.64
N THR A 54 -7.76 -1.49 -13.44
CA THR A 54 -9.05 -0.85 -13.18
C THR A 54 -9.00 -0.27 -11.77
N PHE A 55 -9.77 0.78 -11.52
CA PHE A 55 -9.74 1.42 -10.21
C PHE A 55 -11.01 2.21 -9.95
N GLY A 56 -11.30 2.43 -8.67
CA GLY A 56 -12.38 3.29 -8.26
C GLY A 56 -11.82 4.56 -7.63
N ARG A 57 -12.65 5.59 -7.54
CA ARG A 57 -12.24 6.90 -7.04
C ARG A 57 -13.29 7.52 -6.17
N ARG A 58 -12.88 8.28 -5.16
CA ARG A 58 -13.55 8.95 -4.23
CA ARG A 58 -13.56 8.97 -4.26
C ARG A 58 -13.22 10.12 -3.82
N GLY A 59 -13.80 11.07 -3.12
CA GLY A 59 -13.06 12.20 -2.60
C GLY A 59 -13.12 13.52 -3.33
N ALA A 60 -11.97 14.15 -3.44
CA ALA A 60 -11.82 15.42 -4.10
C ALA A 60 -12.28 15.38 -5.54
N ALA A 61 -13.05 16.38 -5.93
CA ALA A 61 -13.53 16.46 -7.30
C ALA A 61 -12.43 16.40 -8.33
N PRO A 62 -12.63 15.67 -9.40
CA PRO A 62 -11.59 15.59 -10.40
C PRO A 62 -11.19 16.98 -10.78
N GLY A 63 -9.90 17.22 -10.98
CA GLY A 63 -9.44 18.54 -11.33
C GLY A 63 -9.06 19.36 -10.12
N GLU A 64 -9.57 18.95 -8.98
CA GLU A 64 -9.46 19.70 -7.77
C GLU A 64 -8.66 19.06 -6.65
N ALA A 65 -7.78 18.11 -6.95
CA ALA A 65 -7.15 17.36 -5.90
C ALA A 65 -5.86 18.00 -5.52
N THR A 66 -5.67 18.19 -4.23
CA THR A 66 -4.39 18.65 -3.74
C THR A 66 -3.48 17.49 -3.44
N SER A 67 -4.07 16.35 -3.18
CA SER A 67 -3.25 15.20 -2.85
C SER A 67 -3.95 13.92 -3.25
N LEU A 68 -3.22 12.82 -3.21
CA LEU A 68 -3.71 11.54 -3.70
C LEU A 68 -3.33 10.39 -2.77
N VAL A 69 -4.32 9.61 -2.35
CA VAL A 69 -4.07 8.41 -1.58
C VAL A 69 -4.48 7.21 -2.41
N VAL A 70 -3.53 6.31 -2.65
CA VAL A 70 -3.80 5.06 -3.36
C VAL A 70 -3.89 3.89 -2.37
N PHE A 71 -5.07 3.27 -2.29
CA PHE A 71 -5.27 2.08 -1.48
C PHE A 71 -4.83 0.85 -2.23
N LEU A 72 -4.09 -0.03 -1.56
CA LEU A 72 -3.62 -1.27 -2.16
C LEU A 72 -4.16 -2.47 -1.37
N HIS A 73 -5.12 -3.17 -1.95
CA HIS A 73 -5.85 -4.24 -1.29
C HIS A 73 -5.06 -5.50 -1.09
N GLY A 74 -5.58 -6.41 -0.29
CA GLY A 74 -4.88 -7.61 0.03
C GLY A 74 -5.23 -8.76 -0.87
N TYR A 75 -4.58 -9.88 -0.69
CA TYR A 75 -4.81 -11.05 -1.49
C TYR A 75 -6.26 -11.51 -1.44
N GLY A 76 -6.80 -11.76 -2.63
CA GLY A 76 -8.15 -12.21 -2.78
C GLY A 76 -9.21 -11.14 -2.65
N ALA A 77 -8.82 -9.91 -2.45
CA ALA A 77 -9.78 -8.86 -2.29
C ALA A 77 -9.92 -8.08 -3.58
N ASP A 78 -10.41 -6.87 -3.50
CA ASP A 78 -10.46 -5.93 -4.60
C ASP A 78 -10.40 -4.51 -4.11
N GLY A 79 -10.32 -3.58 -5.01
CA GLY A 79 -10.16 -2.19 -4.66
C GLY A 79 -11.27 -1.62 -3.83
N ALA A 80 -12.46 -2.07 -4.11
CA ALA A 80 -13.66 -1.50 -3.56
C ALA A 80 -13.70 -1.57 -2.05
N ASP A 81 -13.29 -2.67 -1.50
CA ASP A 81 -13.25 -2.86 -0.05
C ASP A 81 -12.47 -1.74 0.67
N LEU A 82 -11.19 -1.62 0.38
CA LEU A 82 -10.35 -0.60 1.03
C LEU A 82 -10.83 0.82 0.70
N LEU A 83 -11.23 1.04 -0.54
CA LEU A 83 -11.69 2.36 -0.98
C LEU A 83 -12.80 2.90 -0.07
N GLY A 84 -13.54 1.98 0.55
CA GLY A 84 -14.57 2.35 1.52
C GLY A 84 -14.06 3.14 2.71
N LEU A 85 -12.77 3.00 3.01
CA LEU A 85 -12.15 3.78 4.08
C LEU A 85 -12.13 5.27 3.73
N ALA A 86 -12.35 5.59 2.47
CA ALA A 86 -12.40 6.98 2.05
C ALA A 86 -13.54 7.73 2.72
N GLU A 87 -14.58 7.00 3.13
CA GLU A 87 -15.75 7.64 3.71
C GLU A 87 -15.44 8.37 5.02
N PRO A 88 -14.91 7.67 6.04
CA PRO A 88 -14.55 8.37 7.28
C PRO A 88 -13.35 9.31 7.12
N LEU A 89 -12.48 9.04 6.14
CA LEU A 89 -11.26 9.85 5.98
C LEU A 89 -11.50 11.17 5.26
N ALA A 90 -12.34 11.15 4.23
CA ALA A 90 -12.51 12.30 3.33
C ALA A 90 -12.77 13.64 4.03
N PRO A 91 -13.76 13.69 4.93
CA PRO A 91 -14.06 14.94 5.64
C PRO A 91 -12.87 15.53 6.41
N HIS A 92 -11.88 14.70 6.72
CA HIS A 92 -10.73 15.17 7.47
C HIS A 92 -9.54 15.40 6.55
N LEU A 93 -9.71 15.00 5.29
CA LEU A 93 -8.71 15.23 4.26
C LEU A 93 -9.43 15.87 3.08
N PRO A 94 -9.81 17.15 3.22
CA PRO A 94 -10.67 17.89 2.29
C PRO A 94 -10.28 17.77 0.82
N GLY A 95 -9.03 18.09 0.48
CA GLY A 95 -8.61 18.13 -0.91
C GLY A 95 -8.02 16.83 -1.43
N THR A 96 -8.23 15.74 -0.71
CA THR A 96 -7.61 14.48 -1.08
C THR A 96 -8.50 13.66 -2.02
N ALA A 97 -7.88 13.13 -3.07
CA ALA A 97 -8.53 12.14 -3.91
C ALA A 97 -8.07 10.76 -3.47
N PHE A 98 -9.01 9.83 -3.39
CA PHE A 98 -8.71 8.44 -3.03
C PHE A 98 -8.92 7.55 -4.24
N VAL A 99 -7.95 6.66 -4.50
CA VAL A 99 -8.12 5.67 -5.56
CA VAL A 99 -8.08 5.68 -5.58
C VAL A 99 -7.67 4.29 -5.10
N ALA A 100 -8.34 3.26 -5.62
CA ALA A 100 -8.02 1.90 -5.27
C ALA A 100 -8.05 1.04 -6.52
N PRO A 101 -6.86 0.66 -7.02
CA PRO A 101 -6.81 -0.25 -8.16
C PRO A 101 -7.16 -1.69 -7.75
N ASP A 102 -7.63 -2.49 -8.71
CA ASP A 102 -7.71 -3.92 -8.50
C ASP A 102 -6.38 -4.52 -8.93
N ALA A 103 -5.87 -5.48 -8.16
CA ALA A 103 -4.67 -6.21 -8.55
C ALA A 103 -4.90 -6.89 -9.92
N PRO A 104 -3.82 -7.08 -10.70
CA PRO A 104 -3.97 -7.45 -12.12
C PRO A 104 -4.34 -8.91 -12.42
N GLU A 105 -4.30 -9.81 -11.44
CA GLU A 105 -4.52 -11.24 -11.69
CA GLU A 105 -4.55 -11.22 -11.74
C GLU A 105 -5.72 -11.77 -10.91
N PRO A 106 -6.45 -12.76 -11.46
CA PRO A 106 -7.49 -13.39 -10.65
C PRO A 106 -6.81 -14.09 -9.48
N CYS A 107 -7.48 -14.13 -8.33
CA CYS A 107 -6.92 -14.79 -7.16
C CYS A 107 -6.97 -16.33 -7.31
N ARG A 108 -5.83 -17.01 -7.13
CA ARG A 108 -5.81 -18.47 -7.19
C ARG A 108 -6.72 -19.15 -6.16
N ALA A 109 -7.01 -18.45 -5.06
CA ALA A 109 -7.72 -19.09 -3.94
C ALA A 109 -9.19 -18.72 -3.82
N ASN A 110 -9.68 -17.79 -4.64
CA ASN A 110 -11.12 -17.50 -4.58
C ASN A 110 -11.75 -17.22 -5.93
N GLY A 111 -13.05 -16.98 -5.92
CA GLY A 111 -13.83 -16.98 -7.14
C GLY A 111 -13.85 -15.70 -7.93
N PHE A 112 -13.75 -14.57 -7.24
CA PHE A 112 -14.04 -13.31 -7.88
C PHE A 112 -13.09 -12.21 -7.45
N GLY A 113 -12.12 -12.56 -6.59
CA GLY A 113 -11.16 -11.59 -6.11
C GLY A 113 -9.89 -11.53 -6.95
N PHE A 114 -8.95 -10.68 -6.52
CA PHE A 114 -7.72 -10.47 -7.27
C PHE A 114 -6.51 -10.67 -6.39
N GLN A 115 -5.36 -10.94 -7.00
CA GLN A 115 -4.10 -11.05 -6.30
C GLN A 115 -3.04 -10.21 -7.00
N TRP A 116 -2.10 -9.66 -6.23
CA TRP A 116 -0.96 -9.00 -6.83
C TRP A 116 0.01 -10.06 -7.32
N PHE A 117 0.06 -11.16 -6.58
CA PHE A 117 0.91 -12.30 -6.92
C PHE A 117 0.48 -13.47 -6.05
N PRO A 118 0.88 -14.70 -6.44
CA PRO A 118 0.37 -15.85 -5.68
C PRO A 118 1.14 -16.09 -4.36
N ILE A 119 0.56 -16.94 -3.52
CA ILE A 119 1.12 -17.22 -2.20
C ILE A 119 1.30 -18.73 -2.05
N PRO A 120 2.52 -19.22 -2.27
CA PRO A 120 2.78 -20.65 -2.38
C PRO A 120 2.23 -21.49 -1.23
N TRP A 121 2.46 -21.10 0.01
CA TRP A 121 2.00 -21.92 1.14
C TRP A 121 0.48 -22.10 1.13
N LEU A 122 -0.22 -21.19 0.47
CA LEU A 122 -1.68 -21.16 0.49
CA LEU A 122 -1.67 -21.18 0.50
C LEU A 122 -2.31 -21.75 -0.77
N ASP A 123 -1.80 -21.35 -1.93
CA ASP A 123 -2.47 -21.68 -3.19
C ASP A 123 -1.71 -22.65 -4.11
N GLY A 124 -0.61 -23.20 -3.65
CA GLY A 124 0.10 -24.24 -4.38
C GLY A 124 1.05 -23.75 -5.46
N SER A 125 1.09 -22.44 -5.68
CA SER A 125 2.02 -21.86 -6.65
C SER A 125 3.47 -22.16 -6.28
N SER A 126 4.37 -22.05 -7.26
CA SER A 126 5.79 -22.22 -7.01
C SER A 126 6.42 -20.91 -6.55
N GLU A 127 7.60 -21.00 -5.93
CA GLU A 127 8.31 -19.81 -5.49
CA GLU A 127 8.34 -19.82 -5.50
C GLU A 127 8.68 -18.92 -6.68
N THR A 128 8.98 -19.54 -7.81
CA THR A 128 9.31 -18.79 -9.02
C THR A 128 8.10 -18.00 -9.51
N ALA A 129 6.94 -18.65 -9.51
CA ALA A 129 5.71 -17.99 -9.89
C ALA A 129 5.41 -16.80 -8.97
N ALA A 130 5.66 -16.98 -7.68
CA ALA A 130 5.45 -15.90 -6.72
C ALA A 130 6.38 -14.72 -7.00
N ALA A 131 7.66 -15.02 -7.21
CA ALA A 131 8.65 -13.99 -7.48
C ALA A 131 8.38 -13.25 -8.79
N GLU A 132 8.09 -13.99 -9.85
CA GLU A 132 7.79 -13.39 -11.14
C GLU A 132 6.50 -12.55 -11.06
N GLY A 133 5.53 -13.06 -10.31
CA GLY A 133 4.28 -12.36 -10.10
C GLY A 133 4.50 -11.00 -9.46
N MET A 134 5.33 -10.96 -8.42
CA MET A 134 5.65 -9.72 -7.73
C MET A 134 6.32 -8.71 -8.66
N ALA A 135 7.28 -9.18 -9.45
CA ALA A 135 7.95 -8.28 -10.40
C ALA A 135 6.96 -7.71 -11.41
N ALA A 136 6.07 -8.55 -11.92
CA ALA A 136 5.08 -8.08 -12.90
C ALA A 136 4.06 -7.12 -12.28
N ALA A 137 3.65 -7.42 -11.04
CA ALA A 137 2.72 -6.56 -10.31
C ALA A 137 3.36 -5.20 -10.01
N ALA A 138 4.66 -5.21 -9.68
CA ALA A 138 5.36 -3.97 -9.39
C ALA A 138 5.45 -3.12 -10.66
N ARG A 139 5.76 -3.76 -11.78
CA ARG A 139 5.77 -3.10 -13.08
CA ARG A 139 5.77 -3.09 -13.07
C ARG A 139 4.43 -2.41 -13.32
N ASP A 140 3.34 -3.15 -13.11
CA ASP A 140 1.99 -2.63 -13.33
C ASP A 140 1.61 -1.48 -12.39
N LEU A 141 1.95 -1.61 -11.12
CA LEU A 141 1.60 -0.59 -10.12
C LEU A 141 2.42 0.68 -10.33
N ASP A 142 3.67 0.53 -10.64
CA ASP A 142 4.47 1.66 -10.99
C ASP A 142 3.85 2.45 -12.12
N ALA A 143 3.47 1.75 -13.17
CA ALA A 143 2.83 2.44 -14.31
C ALA A 143 1.53 3.10 -13.86
N PHE A 144 0.75 2.40 -13.06
CA PHE A 144 -0.51 2.94 -12.54
C PHE A 144 -0.32 4.25 -11.77
N LEU A 145 0.66 4.28 -10.85
CA LEU A 145 0.95 5.50 -10.10
C LEU A 145 1.32 6.68 -11.01
N ASP A 146 2.20 6.43 -11.97
CA ASP A 146 2.54 7.44 -12.97
C ASP A 146 1.30 8.02 -13.65
N GLU A 147 0.37 7.15 -14.01
CA GLU A 147 -0.77 7.65 -14.74
CA GLU A 147 -0.86 7.53 -14.73
C GLU A 147 -1.79 8.38 -13.85
N ARG A 148 -1.89 7.98 -12.59
CA ARG A 148 -2.75 8.70 -11.66
CA ARG A 148 -2.74 8.70 -11.65
C ARG A 148 -2.18 10.09 -11.38
N LEU A 149 -0.86 10.16 -11.17
CA LEU A 149 -0.21 11.43 -10.91
C LEU A 149 -0.33 12.33 -12.12
N ALA A 150 -0.19 11.73 -13.30
CA ALA A 150 -0.31 12.46 -14.56
C ALA A 150 -1.71 13.03 -14.74
N GLU A 151 -2.71 12.24 -14.51
CA GLU A 151 -4.07 12.69 -14.70
C GLU A 151 -4.59 13.61 -13.62
N GLU A 152 -4.17 13.38 -12.38
CA GLU A 152 -4.59 14.24 -11.28
C GLU A 152 -3.81 15.55 -11.28
N GLY A 153 -2.74 15.60 -12.08
CA GLY A 153 -1.89 16.77 -12.15
C GLY A 153 -1.16 17.04 -10.85
N LEU A 154 -0.54 16.01 -10.30
CA LEU A 154 0.15 16.12 -9.01
C LEU A 154 1.59 15.63 -9.06
N PRO A 155 2.38 16.11 -8.13
CA PRO A 155 3.74 15.68 -7.96
C PRO A 155 3.79 14.54 -6.97
N PRO A 156 4.83 13.77 -7.05
CA PRO A 156 4.99 12.61 -6.21
C PRO A 156 4.94 12.90 -4.70
N GLU A 157 5.41 14.06 -4.30
CA GLU A 157 5.27 14.34 -2.88
CA GLU A 157 5.11 14.46 -2.97
C GLU A 157 3.63 14.62 -2.69
N ALA A 158 2.66 14.51 -3.58
CA ALA A 158 1.41 14.64 -2.86
C ALA A 158 0.66 13.33 -2.85
N LEU A 159 1.40 12.27 -3.09
CA LEU A 159 0.87 10.92 -3.14
C LEU A 159 1.30 10.09 -1.93
N ALA A 160 0.33 9.46 -1.29
CA ALA A 160 0.60 8.49 -0.24
C ALA A 160 0.03 7.13 -0.64
N LEU A 161 0.65 6.05 -0.23
CA LEU A 161 0.10 4.73 -0.40
C LEU A 161 -0.39 4.21 0.92
N VAL A 162 -1.53 3.56 0.92
CA VAL A 162 -2.10 2.92 2.09
C VAL A 162 -2.37 1.47 1.73
N GLY A 163 -1.61 0.57 2.28
CA GLY A 163 -1.73 -0.83 2.00
C GLY A 163 -2.38 -1.68 3.06
N PHE A 164 -2.96 -2.77 2.65
CA PHE A 164 -3.37 -3.81 3.54
C PHE A 164 -2.79 -5.16 3.12
N SER A 165 -2.04 -5.77 4.02
CA SER A 165 -1.51 -7.09 3.85
C SER A 165 -0.69 -7.22 2.57
N GLN A 166 -1.08 -8.07 1.64
CA GLN A 166 -0.34 -8.14 0.39
C GLN A 166 -0.16 -6.77 -0.25
N GLY A 167 -1.16 -5.92 -0.12
CA GLY A 167 -1.06 -4.57 -0.65
C GLY A 167 0.05 -3.77 0.03
N THR A 168 0.28 -4.06 1.31
CA THR A 168 1.38 -3.43 2.04
C THR A 168 2.73 -3.89 1.49
N MET A 169 2.84 -5.18 1.21
CA MET A 169 4.03 -5.71 0.57
C MET A 169 4.30 -4.99 -0.76
N MET A 170 3.24 -4.77 -1.54
CA MET A 170 3.37 -4.01 -2.79
C MET A 170 3.83 -2.57 -2.55
N ALA A 171 3.23 -1.89 -1.59
CA ALA A 171 3.62 -0.51 -1.28
C ALA A 171 5.11 -0.43 -0.89
N LEU A 172 5.53 -1.33 -0.02
CA LEU A 172 6.90 -1.33 0.49
C LEU A 172 7.92 -1.70 -0.58
N HIS A 173 7.49 -2.42 -1.60
CA HIS A 173 8.38 -2.77 -2.70
C HIS A 173 8.49 -1.62 -3.71
N VAL A 174 7.35 -1.10 -4.13
CA VAL A 174 7.30 -0.13 -5.21
C VAL A 174 7.77 1.28 -4.81
N ALA A 175 7.22 1.81 -3.72
CA ALA A 175 7.50 3.19 -3.34
C ALA A 175 9.01 3.53 -3.21
N PRO A 176 9.78 2.71 -2.48
CA PRO A 176 11.20 3.02 -2.33
C PRO A 176 11.95 3.02 -3.66
N ARG A 177 11.43 2.28 -4.64
CA ARG A 177 12.10 2.13 -5.92
C ARG A 177 11.74 3.22 -6.92
N ARG A 178 10.81 4.10 -6.55
CA ARG A 178 10.49 5.26 -7.37
C ARG A 178 11.67 6.22 -7.38
N ALA A 179 11.78 7.01 -8.45
CA ALA A 179 12.82 8.02 -8.56
C ALA A 179 12.61 9.12 -7.52
N GLU A 180 11.38 9.61 -7.41
CA GLU A 180 11.07 10.69 -6.49
C GLU A 180 10.38 10.16 -5.24
N GLU A 181 10.64 10.82 -4.12
CA GLU A 181 10.06 10.45 -2.82
C GLU A 181 8.61 10.87 -2.71
N ILE A 182 7.72 9.91 -2.47
CA ILE A 182 6.31 10.22 -2.24
C ILE A 182 6.10 10.74 -0.80
N ALA A 183 4.88 11.17 -0.49
CA ALA A 183 4.60 11.76 0.82
C ALA A 183 4.78 10.75 1.96
N GLY A 184 4.43 9.49 1.70
CA GLY A 184 4.57 8.47 2.72
C GLY A 184 3.81 7.20 2.45
N ILE A 185 4.03 6.20 3.29
CA ILE A 185 3.35 4.92 3.18
C ILE A 185 2.74 4.54 4.52
N VAL A 186 1.47 4.16 4.50
CA VAL A 186 0.86 3.49 5.63
C VAL A 186 0.67 2.02 5.27
N GLY A 187 1.36 1.14 6.00
CA GLY A 187 1.25 -0.28 5.77
C GLY A 187 0.52 -0.96 6.91
N PHE A 188 -0.66 -1.48 6.63
CA PHE A 188 -1.41 -2.28 7.60
C PHE A 188 -1.13 -3.75 7.40
N SER A 189 -0.85 -4.45 8.50
CA SER A 189 -0.97 -5.90 8.59
C SER A 189 -0.22 -6.65 7.51
N GLY A 190 0.96 -6.17 7.16
CA GLY A 190 1.71 -6.74 6.07
C GLY A 190 3.16 -7.01 6.42
N ARG A 191 4.00 -7.12 5.42
CA ARG A 191 5.41 -7.33 5.67
C ARG A 191 6.28 -6.84 4.52
N LEU A 192 7.59 -6.87 4.74
CA LEU A 192 8.55 -6.45 3.75
C LEU A 192 9.12 -7.70 3.09
N LEU A 193 8.91 -7.81 1.78
CA LEU A 193 9.23 -9.06 1.09
C LEU A 193 10.73 -9.33 0.96
N ALA A 194 11.50 -8.32 0.58
CA ALA A 194 12.93 -8.54 0.32
C ALA A 194 13.77 -7.52 1.06
N PRO A 195 13.88 -7.68 2.39
CA PRO A 195 14.57 -6.75 3.27
C PRO A 195 16.03 -6.59 2.87
N GLU A 196 16.66 -7.69 2.46
CA GLU A 196 18.08 -7.67 2.14
C GLU A 196 18.39 -6.81 0.92
N ARG A 197 17.41 -6.63 0.05
CA ARG A 197 17.61 -5.85 -1.17
C ARG A 197 17.34 -4.37 -0.94
N LEU A 198 16.62 -4.06 0.13
CA LEU A 198 16.16 -2.70 0.39
C LEU A 198 17.29 -1.68 0.36
N ALA A 199 18.37 -2.02 1.02
CA ALA A 199 19.55 -1.18 1.05
C ALA A 199 19.95 -0.69 -0.33
N GLU A 200 20.41 -1.60 -1.16
CA GLU A 200 20.83 -1.27 -2.50
C GLU A 200 19.82 -0.54 -3.35
N GLU A 201 18.63 -1.11 -3.45
CA GLU A 201 17.64 -0.71 -4.42
C GLU A 201 16.76 0.43 -4.01
N ALA A 202 16.81 0.86 -2.79
CA ALA A 202 15.97 1.97 -2.47
C ALA A 202 16.51 3.21 -3.12
N ARG A 203 15.73 3.84 -3.97
CA ARG A 203 16.13 5.09 -4.62
C ARG A 203 15.53 6.30 -3.92
N SER A 204 14.42 6.09 -3.23
CA SER A 204 13.74 7.13 -2.46
C SER A 204 13.35 6.55 -1.12
N LYS A 205 13.20 7.42 -0.12
CA LYS A 205 12.95 6.94 1.23
C LYS A 205 11.88 7.76 1.93
N PRO A 206 10.61 7.57 1.53
CA PRO A 206 9.48 8.26 2.15
C PRO A 206 9.23 7.72 3.55
N PRO A 207 8.59 8.50 4.41
CA PRO A 207 8.30 8.00 5.77
C PRO A 207 7.27 6.88 5.73
N VAL A 208 7.40 5.93 6.65
CA VAL A 208 6.54 4.76 6.69
C VAL A 208 5.91 4.61 8.06
N LEU A 209 4.58 4.46 8.08
CA LEU A 209 3.87 4.06 9.30
C LEU A 209 3.40 2.63 9.14
N LEU A 210 3.88 1.75 10.02
CA LEU A 210 3.41 0.37 10.04
C LEU A 210 2.40 0.16 11.17
N VAL A 211 1.28 -0.48 10.82
CA VAL A 211 0.21 -0.73 11.78
C VAL A 211 -0.17 -2.21 11.72
N HIS A 212 -0.21 -2.87 12.86
CA HIS A 212 -0.38 -4.31 12.88
C HIS A 212 -1.12 -4.77 14.13
N GLY A 213 -1.97 -5.78 13.98
CA GLY A 213 -2.69 -6.32 15.11
C GLY A 213 -1.81 -7.31 15.84
N ASP A 214 -1.73 -7.22 17.16
CA ASP A 214 -0.85 -8.14 17.87
C ASP A 214 -1.44 -9.54 18.04
N ALA A 215 -2.66 -9.75 17.54
CA ALA A 215 -3.24 -11.08 17.51
C ALA A 215 -3.48 -11.56 16.07
N ASP A 216 -2.74 -10.99 15.13
CA ASP A 216 -2.90 -11.34 13.71
C ASP A 216 -2.59 -12.82 13.47
N PRO A 217 -3.60 -13.61 13.07
CA PRO A 217 -3.41 -15.04 12.89
C PRO A 217 -2.85 -15.46 11.52
N VAL A 218 -2.72 -14.55 10.57
CA VAL A 218 -2.23 -14.94 9.24
C VAL A 218 -0.94 -14.24 8.81
N VAL A 219 -0.73 -13.01 9.26
CA VAL A 219 0.56 -12.35 9.10
C VAL A 219 1.13 -12.05 10.49
N PRO A 220 2.17 -12.80 10.90
CA PRO A 220 2.71 -12.77 12.26
C PRO A 220 3.04 -11.35 12.71
N PHE A 221 2.59 -10.96 13.89
CA PHE A 221 2.87 -9.64 14.43
C PHE A 221 4.36 -9.29 14.38
N ALA A 222 5.22 -10.30 14.51
CA ALA A 222 6.67 -10.07 14.48
C ALA A 222 7.15 -9.41 13.19
N ASP A 223 6.42 -9.65 12.10
CA ASP A 223 6.78 -9.06 10.82
C ASP A 223 6.78 -7.54 10.86
N MET A 224 5.99 -6.97 11.76
CA MET A 224 5.95 -5.52 11.89
C MET A 224 7.32 -5.00 12.33
N SER A 225 7.87 -5.59 13.39
CA SER A 225 9.19 -5.17 13.87
C SER A 225 10.28 -5.46 12.84
N LEU A 226 10.20 -6.63 12.21
CA LEU A 226 11.17 -7.01 11.18
C LEU A 226 11.17 -5.99 10.04
N ALA A 227 9.98 -5.68 9.54
CA ALA A 227 9.86 -4.70 8.47
C ALA A 227 10.36 -3.33 8.97
N GLY A 228 9.94 -2.98 10.18
CA GLY A 228 10.31 -1.72 10.79
C GLY A 228 11.82 -1.50 10.87
N GLU A 229 12.55 -2.51 11.31
CA GLU A 229 13.99 -2.32 11.48
C GLU A 229 14.74 -2.33 10.15
N ALA A 230 14.28 -3.12 9.19
CA ALA A 230 14.87 -3.09 7.86
C ALA A 230 14.74 -1.67 7.29
N LEU A 231 13.54 -1.11 7.39
CA LEU A 231 13.30 0.26 6.94
C LEU A 231 14.15 1.30 7.69
N ALA A 232 14.07 1.28 9.02
CA ALA A 232 14.81 2.24 9.83
C ALA A 232 16.31 2.20 9.54
N GLU A 233 16.86 0.99 9.42
CA GLU A 233 18.29 0.86 9.18
CA GLU A 233 18.28 0.79 9.15
C GLU A 233 18.67 1.32 7.77
N ALA A 234 17.71 1.35 6.85
CA ALA A 234 17.99 1.80 5.50
C ALA A 234 17.77 3.30 5.34
N GLY A 235 17.47 3.99 6.43
CA GLY A 235 17.36 5.44 6.40
C GLY A 235 15.95 5.97 6.26
N PHE A 236 14.96 5.09 6.38
CA PHE A 236 13.57 5.50 6.33
C PHE A 236 13.13 5.99 7.70
N THR A 237 12.47 7.15 7.76
CA THR A 237 11.84 7.56 9.01
C THR A 237 10.62 6.67 9.22
N THR A 238 10.65 5.86 10.29
CA THR A 238 9.68 4.79 10.48
C THR A 238 8.89 4.92 11.77
N TYR A 239 7.58 4.75 11.65
CA TYR A 239 6.67 4.85 12.78
C TYR A 239 5.89 3.54 12.93
N GLY A 240 5.30 3.35 14.12
CA GLY A 240 4.54 2.15 14.39
C GLY A 240 3.31 2.41 15.22
N HIS A 241 2.27 1.62 15.00
CA HIS A 241 1.16 1.58 15.93
C HIS A 241 0.68 0.14 16.05
N VAL A 242 0.58 -0.32 17.29
CA VAL A 242 0.11 -1.67 17.54
C VAL A 242 -1.38 -1.65 17.81
N MET A 243 -2.13 -2.43 17.05
CA MET A 243 -3.55 -2.59 17.32
CA MET A 243 -3.56 -2.60 17.30
C MET A 243 -3.72 -3.72 18.33
N LYS A 244 -3.77 -3.36 19.60
CA LYS A 244 -3.81 -4.35 20.67
C LYS A 244 -5.09 -5.19 20.67
N GLY A 245 -4.92 -6.51 20.67
CA GLY A 245 -6.05 -7.44 20.66
C GLY A 245 -6.66 -7.61 19.27
N THR A 246 -6.11 -6.94 18.28
CA THR A 246 -6.67 -7.01 16.93
C THR A 246 -6.04 -8.12 16.11
N GLY A 247 -6.85 -8.79 15.29
CA GLY A 247 -6.34 -9.78 14.36
C GLY A 247 -5.91 -9.15 13.04
N HIS A 248 -6.19 -9.85 11.95
CA HIS A 248 -5.86 -9.41 10.59
C HIS A 248 -7.01 -8.57 10.02
N GLY A 249 -6.98 -7.28 10.34
CA GLY A 249 -8.01 -6.34 9.93
C GLY A 249 -7.64 -4.96 10.43
N ILE A 250 -8.43 -3.95 10.06
CA ILE A 250 -8.16 -2.58 10.46
C ILE A 250 -9.14 -2.12 11.54
N ALA A 251 -8.63 -1.97 12.77
CA ALA A 251 -9.45 -1.48 13.87
C ALA A 251 -9.48 0.05 13.88
N PRO A 252 -10.50 0.63 14.54
CA PRO A 252 -10.62 2.09 14.59
C PRO A 252 -9.33 2.83 15.00
N ASP A 253 -8.61 2.33 16.01
CA ASP A 253 -7.36 3.00 16.43
C ASP A 253 -6.31 2.99 15.31
N GLY A 254 -6.28 1.93 14.51
CA GLY A 254 -5.40 1.88 13.36
C GLY A 254 -5.78 2.92 12.31
N LEU A 255 -7.07 3.04 12.05
CA LEU A 255 -7.53 4.05 11.09
C LEU A 255 -7.22 5.46 11.61
N SER A 256 -7.40 5.66 12.91
CA SER A 256 -7.17 6.97 13.53
CA SER A 256 -7.17 6.96 13.54
C SER A 256 -5.72 7.41 13.37
N VAL A 257 -4.78 6.52 13.65
CA VAL A 257 -3.37 6.87 13.53
CA VAL A 257 -3.37 6.85 13.54
C VAL A 257 -2.96 7.05 12.06
N ALA A 258 -3.56 6.28 11.17
CA ALA A 258 -3.27 6.43 9.75
C ALA A 258 -3.70 7.82 9.29
N LEU A 259 -4.88 8.25 9.75
CA LEU A 259 -5.40 9.57 9.41
C LEU A 259 -4.46 10.67 9.88
N ALA A 260 -4.05 10.63 11.14
CA ALA A 260 -3.13 11.62 11.68
C ALA A 260 -1.84 11.66 10.85
N PHE A 261 -1.31 10.48 10.53
CA PHE A 261 -0.10 10.39 9.71
C PHE A 261 -0.28 11.01 8.33
N LEU A 262 -1.39 10.70 7.66
CA LEU A 262 -1.68 11.27 6.35
C LEU A 262 -1.91 12.78 6.42
N LYS A 263 -2.77 13.20 7.34
CA LYS A 263 -3.13 14.60 7.48
CA LYS A 263 -3.13 14.61 7.49
C LYS A 263 -1.89 15.49 7.63
N GLU A 264 -0.87 14.94 8.28
CA GLU A 264 0.36 15.70 8.53
CA GLU A 264 0.38 15.67 8.55
C GLU A 264 1.32 15.66 7.35
N ARG A 265 1.28 14.59 6.57
CA ARG A 265 2.22 14.42 5.45
CA ARG A 265 2.21 14.41 5.44
C ARG A 265 1.70 14.96 4.11
N LEU A 266 0.39 14.92 3.91
CA LEU A 266 -0.21 15.37 2.65
C LEU A 266 -0.40 16.89 2.61
N PRO A 267 -0.06 17.51 1.47
CA PRO A 267 -0.20 18.98 1.32
C PRO A 267 -1.67 19.38 1.30
NA NA B . -6.83 -4.34 -12.63
NA NA C . -13.02 -2.93 -7.06
NA NA D . 2.34 -3.52 7.84
NA NA E . -7.34 -21.17 -8.97
C1 PEG F . -2.67 -13.63 3.60
O1 PEG F . -1.57 -13.99 4.36
C2 PEG F . -3.71 -14.70 3.64
O2 PEG F . -4.79 -14.31 2.87
C3 PEG F . -5.79 -15.19 2.57
C4 PEG F . -7.02 -14.44 2.16
O4 PEG F . -8.11 -15.29 2.15
NA NA G . -8.00 -5.05 1.35
NA NA H . 8.67 -8.32 7.40
NA NA I . -2.89 -10.71 1.81
#